data_5ICK
#
_entry.id   5ICK
#
_cell.length_a   56.161
_cell.length_b   34.910
_cell.length_c   134.915
_cell.angle_alpha   90.000
_cell.angle_beta   90.510
_cell.angle_gamma   90.000
#
_symmetry.space_group_name_H-M   'P 1 2 1'
#
loop_
_entity.id
_entity.type
_entity.pdbx_description
1 polymer 'Bile acid receptor'
2 polymer 'Nuclear receptor coactivator 2'
3 non-polymer '(1S,2S,3Z,5S,8Z)-5-hydroxy-5,9-dimethyl-2-(propan-2-yl)cyclodeca-3,8-dien-1-yl 4-hydroxybenzoate'
4 water water
#
loop_
_entity_poly.entity_id
_entity_poly.type
_entity_poly.pdbx_seq_one_letter_code
_entity_poly.pdbx_strand_id
1 'polypeptide(L)'
;ELTPDQQTLLHFIMDSYNKQRMPQEITNKILKEEFSAEENFLILTEMATNHVQVLVEFTKKLPGFQTLDHEDQIALLKGS
AVEAMFLRSAEIFNKKLPSGHSDLLEERIRNSGISDEYITPMFSFYKSIGELKMTQEEYALLTAIVILSPDRQYIKDREA
VEKLQEPLLDVLQKLCKIHQPENPQHFACLLGRLTELRTFNHHHAEMLMSWRVNDHKFTPLLCEIWDVQ
;
A,B
2 'polypeptide(L)' NALLRYLLDKD C,D
#
loop_
_chem_comp.id
_chem_comp.type
_chem_comp.name
_chem_comp.formula
FEZ non-polymer '(1S,2S,3Z,5S,8Z)-5-hydroxy-5,9-dimethyl-2-(propan-2-yl)cyclodeca-3,8-dien-1-yl 4-hydroxybenzoate' 'C22 H30 O4'
#
# COMPACT_ATOMS: atom_id res chain seq x y z
N GLU A 1 -18.05 2.11 19.86
CA GLU A 1 -16.58 2.38 20.03
C GLU A 1 -15.91 1.31 20.86
N LEU A 2 -16.25 0.07 20.52
CA LEU A 2 -15.89 -1.17 21.19
C LEU A 2 -16.93 -1.55 22.21
N THR A 3 -17.60 -2.67 21.98
CA THR A 3 -18.54 -3.23 22.91
C THR A 3 -17.76 -3.71 24.13
N PRO A 4 -18.45 -3.96 25.25
CA PRO A 4 -17.70 -4.46 26.39
C PRO A 4 -17.05 -5.81 26.09
N ASP A 5 -17.71 -6.65 25.29
CA ASP A 5 -17.16 -7.97 24.91
C ASP A 5 -15.91 -7.84 24.03
N GLN A 6 -15.86 -6.80 23.23
CA GLN A 6 -14.66 -6.46 22.49
C GLN A 6 -13.55 -5.89 23.36
N GLN A 7 -13.92 -5.11 24.38
CA GLN A 7 -12.90 -4.66 25.33
C GLN A 7 -12.25 -5.83 26.02
N THR A 8 -13.04 -6.80 26.50
CA THR A 8 -12.50 -7.97 27.20
C THR A 8 -11.47 -8.72 26.35
N LEU A 9 -11.88 -9.09 25.13
CA LEU A 9 -11.03 -9.76 24.13
C LEU A 9 -9.69 -9.01 23.90
N LEU A 10 -9.76 -7.70 23.69
CA LEU A 10 -8.59 -6.83 23.53
C LEU A 10 -7.68 -6.93 24.70
N HIS A 11 -8.22 -6.89 25.92
CA HIS A 11 -7.41 -7.01 27.12
C HIS A 11 -6.84 -8.40 27.25
N PHE A 12 -7.57 -9.45 26.91
CA PHE A 12 -6.97 -10.77 26.99
C PHE A 12 -5.75 -10.82 26.09
N ILE A 13 -5.86 -10.28 24.88
CA ILE A 13 -4.83 -10.42 23.84
C ILE A 13 -3.55 -9.67 24.23
N MET A 14 -3.75 -8.44 24.69
CA MET A 14 -2.66 -7.58 25.06
C MET A 14 -1.94 -8.12 26.27
N ASP A 15 -2.70 -8.61 27.23
CA ASP A 15 -2.11 -9.25 28.41
C ASP A 15 -1.16 -10.36 28.00
N SER A 16 -1.69 -11.29 27.22
CA SER A 16 -0.91 -12.39 26.65
C SER A 16 0.27 -11.96 25.75
N TYR A 17 0.04 -10.99 24.88
CA TYR A 17 1.07 -10.53 23.97
C TYR A 17 2.25 -9.88 24.71
N ASN A 18 1.96 -9.21 25.83
CA ASN A 18 2.98 -8.42 26.52
C ASN A 18 3.86 -9.22 27.45
N LYS A 19 3.44 -10.41 27.88
CA LYS A 19 4.27 -11.17 28.81
C LYS A 19 5.27 -12.05 28.08
N GLN A 20 5.51 -11.74 26.79
CA GLN A 20 6.55 -12.34 25.99
C GLN A 20 7.64 -11.25 25.84
N ARG A 21 8.90 -11.65 25.98
CA ARG A 21 10.01 -10.70 25.84
C ARG A 21 11.17 -11.33 25.13
N MET A 22 12.01 -10.48 24.54
CA MET A 22 13.33 -10.89 24.03
C MET A 22 14.33 -10.95 25.21
N PRO A 23 14.85 -12.16 25.51
CA PRO A 23 15.82 -12.21 26.61
C PRO A 23 17.07 -11.36 26.35
N GLN A 24 17.55 -10.75 27.44
CA GLN A 24 18.71 -9.89 27.48
C GLN A 24 20.04 -10.55 27.05
N GLU A 25 20.17 -11.84 27.25
CA GLU A 25 21.41 -12.56 26.91
C GLU A 25 21.64 -12.50 25.39
N ILE A 26 20.53 -12.47 24.64
CA ILE A 26 20.52 -12.51 23.18
C ILE A 26 20.75 -11.14 22.56
N THR A 27 20.23 -10.11 23.19
CA THR A 27 20.42 -8.75 22.72
C THR A 27 21.83 -8.31 23.09
N ASN A 28 22.30 -8.72 24.26
CA ASN A 28 23.70 -8.50 24.59
C ASN A 28 24.65 -9.07 23.51
N LYS A 29 24.42 -10.31 23.09
CA LYS A 29 25.23 -10.84 22.01
C LYS A 29 25.30 -9.95 20.78
N ILE A 30 24.20 -9.27 20.44
CA ILE A 30 24.17 -8.36 19.27
C ILE A 30 25.28 -7.29 19.31
N LEU A 31 25.60 -6.81 20.50
CA LEU A 31 26.69 -5.84 20.69
C LEU A 31 28.05 -6.47 20.89
N LYS A 32 28.10 -7.54 21.68
CA LYS A 32 29.34 -7.95 22.28
C LYS A 32 30.09 -8.93 21.40
N GLU A 33 29.41 -9.96 20.89
CA GLU A 33 30.07 -10.98 20.10
C GLU A 33 30.77 -10.35 18.90
N GLU A 34 31.88 -10.96 18.46
CA GLU A 34 32.51 -10.61 17.17
C GLU A 34 31.59 -10.78 15.96
N PHE A 35 31.90 -10.02 14.91
CA PHE A 35 31.11 -9.94 13.70
C PHE A 35 31.67 -10.85 12.61
N SER A 36 31.61 -12.16 12.85
CA SER A 36 31.86 -13.16 11.82
C SER A 36 30.55 -13.75 11.42
N ALA A 37 30.52 -14.32 10.22
CA ALA A 37 29.36 -15.02 9.72
C ALA A 37 28.94 -16.22 10.57
N GLU A 38 29.91 -16.90 11.17
CA GLU A 38 29.63 -18.06 12.02
C GLU A 38 28.88 -17.59 13.26
N GLU A 39 29.40 -16.56 13.92
CA GLU A 39 28.73 -16.00 15.09
C GLU A 39 27.42 -15.28 14.76
N ASN A 40 27.33 -14.56 13.65
CA ASN A 40 26.06 -13.94 13.24
C ASN A 40 24.92 -14.95 13.15
N PHE A 41 25.16 -16.01 12.40
CA PHE A 41 24.17 -17.07 12.21
C PHE A 41 23.74 -17.73 13.53
N LEU A 42 24.70 -18.00 14.39
CA LEU A 42 24.42 -18.54 15.71
C LEU A 42 23.42 -17.66 16.48
N ILE A 43 23.61 -16.35 16.40
CA ILE A 43 22.69 -15.44 17.10
C ILE A 43 21.27 -15.47 16.50
N LEU A 44 21.19 -15.52 15.18
CA LEU A 44 19.92 -15.59 14.50
C LEU A 44 19.21 -16.88 14.86
N THR A 45 19.95 -17.99 14.94
CA THR A 45 19.39 -19.22 15.43
C THR A 45 18.74 -19.04 16.81
N GLU A 46 19.43 -18.36 17.72
CA GLU A 46 18.85 -18.06 19.05
C GLU A 46 17.64 -17.14 19.00
N MET A 47 17.67 -16.10 18.19
CA MET A 47 16.47 -15.26 18.05
C MET A 47 15.29 -16.08 17.49
N ALA A 48 15.56 -16.86 16.45
CA ALA A 48 14.57 -17.70 15.83
C ALA A 48 14.00 -18.67 16.80
N THR A 49 14.86 -19.33 17.53
CA THR A 49 14.36 -20.26 18.53
C THR A 49 13.47 -19.55 19.54
N ASN A 50 13.86 -18.36 19.95
CA ASN A 50 13.10 -17.60 20.91
C ASN A 50 11.78 -17.11 20.30
N HIS A 51 11.77 -16.61 19.07
CA HIS A 51 10.52 -16.27 18.34
C HIS A 51 9.50 -17.41 18.30
N VAL A 52 9.97 -18.58 17.98
CA VAL A 52 9.11 -19.75 17.99
C VAL A 52 8.65 -20.15 19.40
N GLN A 53 9.45 -19.91 20.42
CA GLN A 53 9.06 -20.29 21.79
C GLN A 53 8.00 -19.36 22.23
N VAL A 54 8.14 -18.13 21.73
CA VAL A 54 7.23 -17.08 22.12
C VAL A 54 5.95 -17.25 21.33
N LEU A 55 6.04 -17.55 20.05
CA LEU A 55 4.86 -17.87 19.27
C LEU A 55 3.98 -18.91 19.97
N VAL A 56 4.57 -19.99 20.43
CA VAL A 56 3.79 -21.05 21.05
C VAL A 56 3.06 -20.61 22.32
N GLU A 57 3.77 -19.93 23.21
CA GLU A 57 3.18 -19.41 24.41
C GLU A 57 2.01 -18.49 24.08
N PHE A 58 2.12 -17.72 22.99
CA PHE A 58 1.08 -16.74 22.66
C PHE A 58 -0.09 -17.50 22.12
N THR A 59 0.23 -18.46 21.28
CA THR A 59 -0.79 -19.26 20.66
C THR A 59 -1.68 -20.04 21.64
N LYS A 60 -1.02 -20.72 22.57
CA LYS A 60 -1.72 -21.57 23.51
C LYS A 60 -2.72 -20.77 24.36
N LYS A 61 -2.49 -19.47 24.53
CA LYS A 61 -3.39 -18.59 25.28
C LYS A 61 -4.47 -17.88 24.43
N LEU A 62 -4.54 -18.10 23.11
CA LEU A 62 -5.47 -17.38 22.28
C LEU A 62 -6.90 -17.90 22.56
N PRO A 63 -7.86 -16.99 22.76
CA PRO A 63 -9.24 -17.41 23.15
C PRO A 63 -9.90 -18.40 22.17
N GLY A 64 -10.35 -19.52 22.69
CA GLY A 64 -10.89 -20.60 21.87
C GLY A 64 -9.87 -21.59 21.33
N PHE A 65 -8.57 -21.35 21.55
CA PHE A 65 -7.56 -22.16 20.90
C PHE A 65 -7.54 -23.57 21.45
N GLN A 66 -7.71 -23.73 22.77
CA GLN A 66 -7.86 -25.06 23.41
C GLN A 66 -9.03 -25.89 22.92
N THR A 67 -10.12 -25.23 22.49
CA THR A 67 -11.31 -25.90 21.90
C THR A 67 -11.11 -26.46 20.49
N LEU A 68 -10.00 -26.17 19.81
CA LEU A 68 -9.81 -26.72 18.46
C LEU A 68 -9.21 -28.11 18.56
N ASP A 69 -9.52 -28.89 17.53
CA ASP A 69 -8.97 -30.21 17.34
C ASP A 69 -7.40 -30.19 17.37
N HIS A 70 -6.83 -31.14 18.08
CA HIS A 70 -5.40 -31.19 18.32
C HIS A 70 -4.51 -31.19 17.06
N GLU A 71 -4.83 -32.01 16.07
CA GLU A 71 -4.13 -31.90 14.82
C GLU A 71 -4.14 -30.46 14.20
N ASP A 72 -5.32 -29.84 14.11
CA ASP A 72 -5.46 -28.48 13.58
C ASP A 72 -4.62 -27.50 14.41
N GLN A 73 -4.60 -27.65 15.73
CA GLN A 73 -3.74 -26.79 16.54
C GLN A 73 -2.31 -26.77 15.99
N ILE A 74 -1.81 -27.96 15.67
CA ILE A 74 -0.46 -28.10 15.14
C ILE A 74 -0.32 -27.57 13.71
N ALA A 75 -1.31 -27.80 12.87
CA ALA A 75 -1.31 -27.18 11.54
C ALA A 75 -1.31 -25.64 11.57
N LEU A 76 -1.98 -25.04 12.54
CA LEU A 76 -1.98 -23.60 12.71
C LEU A 76 -0.64 -23.06 13.12
N LEU A 77 -0.09 -23.72 14.10
CA LEU A 77 1.18 -23.32 14.68
C LEU A 77 2.24 -23.32 13.59
N LYS A 78 2.31 -24.40 12.83
CA LYS A 78 3.33 -24.56 11.79
C LYS A 78 3.00 -23.71 10.59
N GLY A 79 1.73 -23.58 10.25
CA GLY A 79 1.33 -22.75 9.11
C GLY A 79 1.74 -21.30 9.29
N SER A 80 1.66 -20.85 10.54
CA SER A 80 1.76 -19.46 10.90
C SER A 80 3.20 -19.00 11.29
N ALA A 81 4.10 -19.94 11.56
CA ALA A 81 5.36 -19.61 12.27
C ALA A 81 6.16 -18.50 11.61
N VAL A 82 6.36 -18.68 10.29
CA VAL A 82 7.10 -17.74 9.48
C VAL A 82 6.45 -16.37 9.56
N GLU A 83 5.18 -16.26 9.28
CA GLU A 83 4.53 -14.95 9.20
C GLU A 83 4.57 -14.24 10.56
N ALA A 84 4.27 -14.99 11.62
CA ALA A 84 4.26 -14.45 12.97
C ALA A 84 5.65 -13.99 13.45
N MET A 85 6.67 -14.82 13.19
CA MET A 85 8.07 -14.47 13.43
C MET A 85 8.55 -13.21 12.73
N PHE A 86 8.36 -13.12 11.41
CA PHE A 86 8.77 -11.92 10.69
C PHE A 86 8.10 -10.67 11.25
N LEU A 87 6.88 -10.79 11.77
CA LEU A 87 6.13 -9.65 12.26
C LEU A 87 6.72 -9.22 13.58
N ARG A 88 6.89 -10.19 14.48
CA ARG A 88 7.54 -9.97 15.74
C ARG A 88 8.94 -9.33 15.57
N SER A 89 9.66 -9.82 14.58
CA SER A 89 11.03 -9.41 14.38
C SER A 89 11.09 -8.01 13.83
N ALA A 90 10.01 -7.60 13.18
CA ALA A 90 9.78 -6.24 12.77
C ALA A 90 9.53 -5.35 13.97
N GLU A 91 8.67 -5.75 14.90
CA GLU A 91 8.40 -5.00 16.13
C GLU A 91 9.71 -4.83 16.88
N ILE A 92 10.49 -5.89 16.95
CA ILE A 92 11.76 -5.84 17.66
C ILE A 92 12.77 -4.92 16.98
N PHE A 93 12.86 -5.00 15.66
CA PHE A 93 13.82 -4.20 14.92
C PHE A 93 13.46 -2.75 15.04
N ASN A 94 12.19 -2.40 14.86
CA ASN A 94 11.77 -1.01 14.96
C ASN A 94 11.78 -0.48 16.39
N LYS A 95 11.35 -1.31 17.34
CA LYS A 95 10.84 -0.77 18.62
C LYS A 95 11.41 -1.27 19.98
N LYS A 96 11.91 -2.51 20.04
CA LYS A 96 12.38 -3.13 21.31
C LYS A 96 13.92 -3.27 21.34
N LEU A 97 14.60 -2.42 20.57
CA LEU A 97 16.03 -2.30 20.62
C LEU A 97 16.38 -0.83 20.91
N PRO A 98 17.43 -0.60 21.72
CA PRO A 98 18.04 0.74 21.82
C PRO A 98 18.57 1.24 20.47
N SER A 99 18.78 2.55 20.37
CA SER A 99 18.88 3.24 19.09
C SER A 99 19.90 2.64 18.09
N GLY A 100 21.13 2.41 18.56
CA GLY A 100 22.21 1.94 17.71
C GLY A 100 22.15 0.48 17.28
N HIS A 101 21.36 -0.34 17.98
CA HIS A 101 21.40 -1.79 17.83
C HIS A 101 20.61 -2.30 16.63
N SER A 102 19.66 -1.52 16.11
CA SER A 102 19.11 -1.80 14.77
C SER A 102 20.26 -1.98 13.77
N ASP A 103 21.19 -1.02 13.80
CA ASP A 103 22.24 -0.96 12.77
C ASP A 103 23.14 -2.19 12.88
N LEU A 104 23.47 -2.60 14.10
CA LEU A 104 24.28 -3.78 14.29
C LEU A 104 23.50 -5.01 13.94
N LEU A 105 22.28 -5.15 14.45
CA LEU A 105 21.47 -6.32 14.12
C LEU A 105 21.40 -6.46 12.62
N GLU A 106 21.01 -5.38 11.97
CA GLU A 106 21.06 -5.35 10.53
C GLU A 106 22.38 -5.84 9.97
N GLU A 107 23.51 -5.32 10.45
CA GLU A 107 24.84 -5.73 9.94
C GLU A 107 25.05 -7.26 10.08
N ARG A 108 24.50 -7.86 11.13
CA ARG A 108 24.62 -9.30 11.32
C ARG A 108 23.76 -10.08 10.34
N ILE A 109 22.53 -9.63 10.15
CA ILE A 109 21.61 -10.26 9.21
C ILE A 109 22.18 -10.24 7.78
N ARG A 110 22.84 -9.13 7.48
CA ARG A 110 23.57 -8.90 6.23
C ARG A 110 24.84 -9.76 5.99
N ASN A 111 25.25 -10.54 6.99
CA ASN A 111 26.44 -11.35 6.89
C ASN A 111 26.18 -12.63 7.73
N SER A 112 25.12 -13.32 7.31
CA SER A 112 24.70 -14.58 7.91
C SER A 112 24.31 -15.67 6.86
N GLY A 113 24.64 -15.43 5.60
CA GLY A 113 24.38 -16.40 4.55
C GLY A 113 22.99 -16.30 3.94
N ILE A 114 22.34 -15.16 4.11
CA ILE A 114 21.09 -14.85 3.42
C ILE A 114 21.34 -13.98 2.14
N SER A 115 20.85 -14.45 1.00
CA SER A 115 20.84 -13.67 -0.25
C SER A 115 20.11 -12.33 -0.14
N ASP A 116 20.69 -11.32 -0.77
CA ASP A 116 20.03 -10.00 -0.98
C ASP A 116 18.59 -10.07 -1.50
N GLU A 117 18.34 -11.07 -2.33
CA GLU A 117 17.01 -11.35 -2.82
C GLU A 117 15.95 -11.52 -1.70
N TYR A 118 16.38 -11.93 -0.49
CA TYR A 118 15.50 -12.09 0.70
C TYR A 118 15.63 -10.93 1.67
N ILE A 119 16.80 -10.32 1.68
CA ILE A 119 17.11 -9.20 2.54
C ILE A 119 16.35 -7.96 2.11
N THR A 120 16.41 -7.67 0.82
CA THR A 120 15.79 -6.46 0.29
C THR A 120 14.33 -6.40 0.77
N PRO A 121 13.52 -7.44 0.48
CA PRO A 121 12.07 -7.31 0.82
C PRO A 121 11.81 -7.42 2.30
N MET A 122 12.72 -8.07 3.01
CA MET A 122 12.63 -8.10 4.44
C MET A 122 12.73 -6.72 5.00
N PHE A 123 13.83 -6.03 4.72
CA PHE A 123 14.05 -4.65 5.24
C PHE A 123 13.08 -3.64 4.64
N SER A 124 12.59 -3.89 3.44
CA SER A 124 11.55 -3.05 2.90
C SER A 124 10.25 -3.22 3.72
N PHE A 125 9.98 -4.44 4.18
CA PHE A 125 8.83 -4.67 5.09
C PHE A 125 9.06 -3.94 6.41
N TYR A 126 10.22 -4.14 7.06
CA TYR A 126 10.57 -3.42 8.31
C TYR A 126 10.43 -1.91 8.22
N LYS A 127 10.97 -1.31 7.14
CA LYS A 127 10.80 0.12 6.84
C LYS A 127 9.33 0.47 6.79
N SER A 128 8.58 -0.16 5.92
CA SER A 128 7.19 0.23 5.70
C SER A 128 6.26 0.17 6.92
N ILE A 129 6.48 -0.79 7.82
CA ILE A 129 5.73 -0.89 9.09
C ILE A 129 6.14 0.15 10.14
N GLY A 130 7.44 0.46 10.21
CA GLY A 130 7.94 1.55 11.03
C GLY A 130 7.35 2.89 10.62
N GLU A 131 7.26 3.17 9.32
CA GLU A 131 6.75 4.47 8.86
C GLU A 131 5.29 4.59 9.26
N LEU A 132 4.56 3.46 9.23
CA LEU A 132 3.17 3.40 9.78
C LEU A 132 3.08 3.56 11.29
N LYS A 133 4.20 3.44 12.02
CA LYS A 133 4.24 3.67 13.47
C LYS A 133 3.18 2.80 14.10
N MET A 134 3.25 1.52 13.76
CA MET A 134 2.23 0.54 14.11
C MET A 134 2.18 0.44 15.65
N THR A 135 0.97 0.43 16.21
CA THR A 135 0.79 0.36 17.67
C THR A 135 0.99 -1.07 18.17
N GLN A 136 1.22 -1.19 19.46
CA GLN A 136 1.23 -2.48 20.15
C GLN A 136 -0.04 -3.28 19.97
N GLU A 137 -1.18 -2.63 20.14
CA GLU A 137 -2.49 -3.17 19.72
C GLU A 137 -2.44 -3.85 18.37
N GLU A 138 -1.96 -3.10 17.38
CA GLU A 138 -1.91 -3.56 16.05
C GLU A 138 -1.02 -4.78 15.94
N TYR A 139 0.24 -4.72 16.39
CA TYR A 139 1.12 -5.91 16.33
C TYR A 139 0.44 -7.14 16.92
N ALA A 140 -0.32 -6.94 18.00
CA ALA A 140 -0.86 -8.05 18.78
C ALA A 140 -2.02 -8.73 18.08
N LEU A 141 -3.00 -7.92 17.69
CA LEU A 141 -4.13 -8.38 16.93
C LEU A 141 -3.73 -9.01 15.58
N LEU A 142 -2.94 -8.30 14.80
CA LEU A 142 -2.36 -8.82 13.58
C LEU A 142 -1.69 -10.17 13.80
N THR A 143 -0.96 -10.33 14.89
CA THR A 143 -0.32 -11.59 15.19
C THR A 143 -1.40 -12.63 15.43
N ALA A 144 -2.40 -12.35 16.26
CA ALA A 144 -3.48 -13.34 16.52
C ALA A 144 -4.21 -13.78 15.25
N ILE A 145 -4.47 -12.83 14.36
CA ILE A 145 -5.10 -13.02 13.06
C ILE A 145 -4.31 -13.96 12.13
N VAL A 146 -3.00 -13.79 12.11
CA VAL A 146 -2.11 -14.63 11.28
C VAL A 146 -2.14 -16.07 11.77
N ILE A 147 -2.10 -16.22 13.09
CA ILE A 147 -2.11 -17.50 13.73
C ILE A 147 -3.42 -18.19 13.53
N LEU A 148 -4.53 -17.49 13.68
CA LEU A 148 -5.79 -18.15 13.49
C LEU A 148 -6.28 -18.00 12.08
N SER A 149 -5.44 -18.27 11.09
CA SER A 149 -5.84 -18.15 9.70
C SER A 149 -6.43 -19.47 9.30
N PRO A 150 -7.67 -19.46 8.81
CA PRO A 150 -8.28 -20.66 8.25
C PRO A 150 -7.74 -21.18 6.93
N ASP A 151 -6.75 -20.50 6.35
CA ASP A 151 -6.26 -20.81 5.01
C ASP A 151 -5.05 -21.75 4.96
N ARG A 152 -4.56 -22.25 6.09
CA ARG A 152 -3.33 -23.06 6.09
C ARG A 152 -3.62 -24.43 5.61
N GLN A 153 -2.55 -25.09 5.20
CA GLN A 153 -2.61 -26.43 4.66
C GLN A 153 -2.96 -27.36 5.82
N TYR A 154 -3.80 -28.34 5.55
CA TYR A 154 -4.07 -29.45 6.44
C TYR A 154 -5.08 -29.16 7.54
N ILE A 155 -5.71 -28.00 7.56
CA ILE A 155 -6.74 -27.81 8.58
C ILE A 155 -7.92 -28.72 8.25
N LYS A 156 -8.33 -29.54 9.20
CA LYS A 156 -9.58 -30.31 9.03
C LYS A 156 -10.85 -29.47 9.19
N ASP A 157 -10.89 -28.55 10.17
CA ASP A 157 -12.08 -27.69 10.40
C ASP A 157 -11.80 -26.20 10.23
N ARG A 158 -11.92 -25.75 9.01
CA ARG A 158 -11.58 -24.39 8.64
C ARG A 158 -12.62 -23.44 9.24
N GLU A 159 -13.86 -23.87 9.33
CA GLU A 159 -14.94 -23.05 9.90
C GLU A 159 -14.70 -22.69 11.37
N ALA A 160 -14.24 -23.65 12.17
CA ALA A 160 -13.95 -23.39 13.60
C ALA A 160 -12.85 -22.37 13.80
N VAL A 161 -11.89 -22.32 12.89
CA VAL A 161 -10.83 -21.34 12.96
C VAL A 161 -11.37 -20.00 12.52
N GLU A 162 -12.11 -19.99 11.43
CA GLU A 162 -12.80 -18.74 11.00
C GLU A 162 -13.68 -18.09 12.12
N LYS A 163 -14.36 -18.88 12.94
CA LYS A 163 -15.13 -18.31 14.04
C LYS A 163 -14.26 -17.68 15.17
N LEU A 164 -13.01 -18.15 15.34
CA LEU A 164 -12.08 -17.50 16.28
C LEU A 164 -11.46 -16.29 15.64
N GLN A 165 -11.28 -16.30 14.33
CA GLN A 165 -10.57 -15.22 13.69
C GLN A 165 -11.42 -13.99 13.54
N GLU A 166 -12.69 -14.16 13.14
CA GLU A 166 -13.58 -13.03 12.79
C GLU A 166 -13.65 -11.98 13.91
N PRO A 167 -13.95 -12.39 15.15
CA PRO A 167 -13.97 -11.41 16.23
C PRO A 167 -12.71 -10.56 16.33
N LEU A 168 -11.55 -11.11 15.97
CA LEU A 168 -10.31 -10.35 16.06
C LEU A 168 -10.22 -9.29 14.97
N LEU A 169 -10.72 -9.63 13.79
CA LEU A 169 -10.74 -8.72 12.66
C LEU A 169 -11.69 -7.57 12.91
N ASP A 170 -12.84 -7.83 13.52
CA ASP A 170 -13.78 -6.74 13.92
C ASP A 170 -13.22 -5.78 14.95
N VAL A 171 -12.54 -6.32 15.96
CA VAL A 171 -11.90 -5.45 16.92
C VAL A 171 -10.92 -4.56 16.18
N LEU A 172 -9.96 -5.14 15.47
CA LEU A 172 -8.93 -4.34 14.78
C LEU A 172 -9.51 -3.25 13.86
N GLN A 173 -10.55 -3.62 13.11
CA GLN A 173 -11.26 -2.69 12.25
C GLN A 173 -11.83 -1.53 13.04
N LYS A 174 -12.58 -1.79 14.09
CA LYS A 174 -13.08 -0.72 14.96
C LYS A 174 -11.98 0.16 15.55
N LEU A 175 -10.89 -0.44 15.98
CA LEU A 175 -9.73 0.32 16.47
C LEU A 175 -9.21 1.28 15.44
N CYS A 176 -9.17 0.82 14.19
CA CYS A 176 -8.79 1.69 13.11
C CYS A 176 -9.77 2.87 12.98
N LYS A 177 -11.06 2.57 12.82
CA LYS A 177 -12.11 3.62 12.71
C LYS A 177 -11.96 4.61 13.84
N ILE A 178 -11.76 4.10 15.06
CA ILE A 178 -11.58 4.95 16.23
C ILE A 178 -10.27 5.74 16.16
N HIS A 179 -9.12 5.06 16.32
CA HIS A 179 -7.83 5.75 16.50
C HIS A 179 -7.24 6.46 15.26
N GLN A 180 -7.78 6.20 14.07
CA GLN A 180 -7.27 6.76 12.81
C GLN A 180 -8.41 7.15 11.83
N PRO A 181 -9.35 8.03 12.27
CA PRO A 181 -10.53 8.43 11.45
C PRO A 181 -10.18 9.29 10.23
N GLU A 182 -9.02 9.92 10.27
CA GLU A 182 -8.53 10.67 9.13
C GLU A 182 -7.93 9.78 8.05
N ASN A 183 -7.80 8.47 8.33
CA ASN A 183 -7.34 7.50 7.36
C ASN A 183 -8.33 6.36 7.36
N PRO A 184 -9.42 6.51 6.58
CA PRO A 184 -10.43 5.43 6.52
C PRO A 184 -9.92 4.13 5.90
N GLN A 185 -8.88 4.25 5.09
CA GLN A 185 -8.20 3.14 4.43
C GLN A 185 -7.26 2.34 5.37
N HIS A 186 -7.05 2.81 6.58
CA HIS A 186 -6.06 2.20 7.46
C HIS A 186 -6.22 0.68 7.62
N PHE A 187 -7.46 0.25 7.84
CA PHE A 187 -7.73 -1.16 8.02
C PHE A 187 -7.28 -1.99 6.83
N ALA A 188 -7.65 -1.53 5.64
CA ALA A 188 -7.25 -2.18 4.38
C ALA A 188 -5.74 -2.26 4.19
N CYS A 189 -5.03 -1.23 4.66
CA CYS A 189 -3.59 -1.12 4.52
C CYS A 189 -2.89 -2.07 5.49
N LEU A 190 -3.44 -2.23 6.70
CA LEU A 190 -2.96 -3.28 7.62
C LEU A 190 -3.17 -4.70 7.05
N LEU A 191 -4.29 -4.92 6.36
CA LEU A 191 -4.55 -6.18 5.65
C LEU A 191 -3.60 -6.33 4.46
N GLY A 192 -3.25 -5.20 3.84
CA GLY A 192 -2.21 -5.20 2.82
C GLY A 192 -0.84 -5.61 3.36
N ARG A 193 -0.53 -5.27 4.61
CA ARG A 193 0.75 -5.70 5.19
C ARG A 193 0.69 -7.20 5.56
N LEU A 194 -0.47 -7.72 5.90
CA LEU A 194 -0.68 -9.18 5.97
C LEU A 194 -0.46 -9.89 4.64
N THR A 195 -0.89 -9.26 3.55
CA THR A 195 -0.68 -9.83 2.23
C THR A 195 0.81 -9.90 1.93
N GLU A 196 1.54 -8.85 2.28
CA GLU A 196 2.98 -8.84 2.12
C GLU A 196 3.68 -9.82 3.07
N LEU A 197 3.21 -9.95 4.33
CA LEU A 197 3.73 -11.05 5.20
C LEU A 197 3.72 -12.44 4.54
N ARG A 198 2.62 -12.79 3.85
CA ARG A 198 2.48 -14.09 3.20
C ARG A 198 3.59 -14.41 2.19
N THR A 199 4.12 -13.36 1.59
CA THR A 199 5.31 -13.40 0.75
C THR A 199 6.52 -14.05 1.45
N PHE A 200 6.65 -13.93 2.76
CA PHE A 200 7.85 -14.51 3.37
C PHE A 200 7.87 -16.03 3.54
N ASN A 201 6.74 -16.71 3.34
CA ASN A 201 6.76 -18.17 3.45
C ASN A 201 7.71 -18.76 2.41
N HIS A 202 7.58 -18.23 1.19
CA HIS A 202 8.43 -18.58 0.03
C HIS A 202 9.91 -18.25 0.29
N HIS A 203 10.14 -17.00 0.68
CA HIS A 203 11.49 -16.52 0.97
C HIS A 203 12.23 -17.34 2.02
N HIS A 204 11.60 -17.51 3.17
CA HIS A 204 12.12 -18.33 4.26
C HIS A 204 12.46 -19.77 3.84
N ALA A 205 11.54 -20.41 3.13
CA ALA A 205 11.83 -21.76 2.57
C ALA A 205 13.08 -21.74 1.72
N GLU A 206 13.23 -20.72 0.87
CA GLU A 206 14.44 -20.58 0.06
C GLU A 206 15.66 -20.35 0.91
N MET A 207 15.52 -19.49 1.93
CA MET A 207 16.61 -19.17 2.86
C MET A 207 17.11 -20.41 3.59
N LEU A 208 16.18 -21.20 4.12
CA LEU A 208 16.52 -22.47 4.79
C LEU A 208 17.18 -23.44 3.82
N MET A 209 16.66 -23.47 2.59
CA MET A 209 17.23 -24.29 1.54
C MET A 209 18.73 -23.98 1.28
N SER A 210 19.09 -22.68 1.19
CA SER A 210 20.50 -22.30 0.96
C SER A 210 21.40 -22.60 2.15
N TRP A 211 20.92 -22.37 3.37
CA TRP A 211 21.70 -22.67 4.58
C TRP A 211 22.02 -24.16 4.61
N ARG A 212 21.03 -24.96 4.25
CA ARG A 212 21.21 -26.42 4.28
C ARG A 212 22.25 -26.97 3.32
N VAL A 213 22.51 -26.28 2.20
CA VAL A 213 23.60 -26.66 1.29
C VAL A 213 24.95 -26.52 1.97
N ASN A 214 25.15 -25.47 2.74
CA ASN A 214 26.40 -25.29 3.48
C ASN A 214 26.40 -26.00 4.82
N ASP A 215 25.50 -26.97 5.00
CA ASP A 215 25.54 -27.86 6.16
C ASP A 215 25.45 -27.14 7.51
N HIS A 216 24.90 -25.91 7.54
CA HIS A 216 24.65 -25.23 8.83
C HIS A 216 23.67 -26.09 9.60
N LYS A 217 23.71 -25.94 10.92
CA LYS A 217 22.81 -26.71 11.79
C LYS A 217 21.73 -25.86 12.48
N PHE A 218 20.57 -26.48 12.71
CA PHE A 218 19.46 -25.83 13.38
C PHE A 218 19.04 -26.64 14.60
N THR A 219 18.24 -26.04 15.46
CA THR A 219 17.83 -26.66 16.72
C THR A 219 16.62 -27.57 16.56
N PRO A 220 16.40 -28.48 17.53
CA PRO A 220 15.26 -29.40 17.52
C PRO A 220 13.87 -28.78 17.25
N LEU A 221 13.57 -27.73 17.97
CA LEU A 221 12.33 -27.04 17.80
C LEU A 221 12.14 -26.48 16.39
N LEU A 222 13.24 -25.96 15.82
CA LEU A 222 13.15 -25.29 14.52
C LEU A 222 12.98 -26.32 13.40
N CYS A 223 13.73 -27.42 13.49
CA CYS A 223 13.62 -28.52 12.52
C CYS A 223 12.20 -29.09 12.52
N GLU A 224 11.66 -29.25 13.72
CA GLU A 224 10.28 -29.68 13.90
C GLU A 224 9.24 -28.69 13.32
N ILE A 225 9.35 -27.41 13.67
CA ILE A 225 8.34 -26.46 13.23
C ILE A 225 8.29 -26.29 11.68
N TRP A 226 9.43 -26.40 11.02
CA TRP A 226 9.51 -26.27 9.56
C TRP A 226 9.80 -27.54 8.79
N ASP A 227 9.62 -28.72 9.40
CA ASP A 227 9.76 -30.01 8.71
C ASP A 227 11.11 -30.13 8.00
N VAL A 228 12.15 -29.68 8.70
CA VAL A 228 13.46 -29.71 8.15
C VAL A 228 13.95 -31.11 8.46
N GLN A 229 13.69 -32.04 7.55
CA GLN A 229 14.19 -33.39 7.68
C GLN A 229 14.27 -34.00 6.28
N GLU B 1 -30.26 9.03 -27.95
CA GLU B 1 -29.00 8.89 -28.74
C GLU B 1 -28.47 10.26 -29.19
N LEU B 2 -27.29 10.29 -29.80
CA LEU B 2 -26.40 11.45 -29.69
C LEU B 2 -26.39 12.45 -30.85
N THR B 3 -26.55 13.72 -30.50
CA THR B 3 -26.86 14.80 -31.46
C THR B 3 -25.61 15.31 -32.22
N PRO B 4 -25.80 16.16 -33.25
CA PRO B 4 -24.72 16.86 -33.96
C PRO B 4 -23.80 17.77 -33.16
N ASP B 5 -24.35 18.65 -32.32
CA ASP B 5 -23.51 19.49 -31.43
C ASP B 5 -22.75 18.64 -30.41
N GLN B 6 -23.38 17.57 -29.94
CA GLN B 6 -22.72 16.59 -29.08
C GLN B 6 -21.61 15.76 -29.77
N GLN B 7 -21.76 15.49 -31.07
CA GLN B 7 -20.73 14.77 -31.85
C GLN B 7 -19.47 15.63 -31.99
N THR B 8 -19.65 16.88 -32.45
CA THR B 8 -18.54 17.84 -32.60
C THR B 8 -17.76 17.99 -31.27
N LEU B 9 -18.47 18.37 -30.21
CA LEU B 9 -17.92 18.47 -28.86
C LEU B 9 -17.19 17.19 -28.43
N LEU B 10 -17.83 16.03 -28.57
CA LEU B 10 -17.16 14.78 -28.18
C LEU B 10 -15.87 14.61 -28.98
N HIS B 11 -15.90 15.01 -30.25
CA HIS B 11 -14.74 14.86 -31.09
C HIS B 11 -13.55 15.72 -30.65
N PHE B 12 -13.79 16.99 -30.32
CA PHE B 12 -12.71 17.88 -29.88
C PHE B 12 -11.99 17.32 -28.63
N ILE B 13 -12.78 16.75 -27.71
CA ILE B 13 -12.28 16.18 -26.46
C ILE B 13 -11.38 14.99 -26.77
N MET B 14 -11.82 14.14 -27.72
CA MET B 14 -11.07 12.96 -28.10
C MET B 14 -9.74 13.32 -28.76
N ASP B 15 -9.83 14.24 -29.73
CA ASP B 15 -8.67 14.75 -30.46
C ASP B 15 -7.60 15.22 -29.48
N SER B 16 -7.91 16.27 -28.70
CA SER B 16 -6.93 16.82 -27.77
C SER B 16 -6.39 15.76 -26.79
N TYR B 17 -7.26 14.93 -26.23
CA TYR B 17 -6.87 13.92 -25.24
C TYR B 17 -5.92 12.90 -25.82
N ASN B 18 -6.30 12.41 -27.02
CA ASN B 18 -5.46 11.54 -27.85
C ASN B 18 -4.06 11.98 -28.16
N LYS B 19 -3.92 13.22 -28.58
CA LYS B 19 -2.63 13.74 -28.98
C LYS B 19 -1.69 13.97 -27.79
N GLN B 20 -2.16 13.92 -26.55
CA GLN B 20 -1.25 14.06 -25.40
C GLN B 20 -0.25 12.90 -25.23
N ARG B 21 1.06 13.19 -25.31
CA ARG B 21 2.08 12.12 -25.38
C ARG B 21 2.42 11.51 -24.01
N MET B 22 2.49 10.18 -23.93
CA MET B 22 2.93 9.50 -22.72
C MET B 22 4.02 8.51 -23.01
N PRO B 23 5.25 9.04 -23.11
CA PRO B 23 6.34 8.10 -23.31
C PRO B 23 6.42 7.06 -22.17
N GLN B 24 6.62 5.81 -22.56
CA GLN B 24 6.67 4.67 -21.60
C GLN B 24 8.06 4.10 -21.39
N GLU B 25 9.06 4.70 -22.04
CA GLU B 25 10.48 4.38 -21.79
C GLU B 25 10.79 4.60 -20.31
N ILE B 26 10.46 5.79 -19.84
CA ILE B 26 10.61 6.16 -18.42
C ILE B 26 10.09 5.04 -17.48
N THR B 27 8.92 4.48 -17.79
CA THR B 27 8.31 3.45 -16.99
C THR B 27 8.93 2.07 -17.16
N ASN B 28 9.18 1.70 -18.41
CA ASN B 28 9.82 0.45 -18.73
C ASN B 28 11.19 0.45 -18.04
N LYS B 29 11.79 1.63 -17.92
CA LYS B 29 13.01 1.82 -17.14
C LYS B 29 12.78 1.48 -15.67
N ILE B 30 11.86 2.20 -14.99
CA ILE B 30 11.57 1.91 -13.56
C ILE B 30 11.18 0.45 -13.28
N LEU B 31 10.69 -0.27 -14.29
CA LEU B 31 10.59 -1.75 -14.24
C LEU B 31 11.94 -2.53 -14.25
N LYS B 32 13.01 -2.00 -13.63
CA LYS B 32 14.34 -2.65 -13.63
C LYS B 32 15.26 -2.09 -12.52
N GLU B 33 15.57 -2.94 -11.54
CA GLU B 33 15.82 -2.61 -10.10
C GLU B 33 16.26 -1.21 -9.60
N GLU B 34 15.89 -1.02 -8.33
CA GLU B 34 15.71 0.27 -7.68
C GLU B 34 16.98 1.06 -7.43
N PHE B 35 17.92 0.98 -8.37
CA PHE B 35 18.61 2.15 -8.88
C PHE B 35 19.29 3.09 -7.86
N SER B 36 18.87 3.04 -6.59
CA SER B 36 18.87 4.17 -5.66
C SER B 36 17.40 4.52 -5.38
N ALA B 37 17.03 4.67 -4.10
CA ALA B 37 15.76 5.29 -3.72
C ALA B 37 15.64 6.75 -4.22
N GLU B 38 16.78 7.42 -4.37
CA GLU B 38 16.85 8.82 -4.79
C GLU B 38 16.47 8.93 -6.27
N GLU B 39 17.14 8.12 -7.10
CA GLU B 39 16.83 7.95 -8.54
C GLU B 39 15.35 7.69 -8.88
N ASN B 40 14.68 6.87 -8.05
CA ASN B 40 13.22 6.56 -8.17
C ASN B 40 12.40 7.83 -8.04
N PHE B 41 12.78 8.63 -7.06
CA PHE B 41 12.15 9.90 -6.83
C PHE B 41 12.31 10.81 -8.04
N LEU B 42 13.50 10.79 -8.66
CA LEU B 42 13.75 11.57 -9.88
C LEU B 42 12.82 11.13 -11.02
N ILE B 43 12.72 9.81 -11.19
CA ILE B 43 11.83 9.27 -12.22
C ILE B 43 10.37 9.68 -11.90
N LEU B 44 9.97 9.61 -10.65
CA LEU B 44 8.66 10.09 -10.29
C LEU B 44 8.44 11.59 -10.54
N THR B 45 9.48 12.40 -10.30
CA THR B 45 9.44 13.85 -10.62
C THR B 45 9.21 14.12 -12.13
N GLU B 46 9.96 13.44 -12.98
CA GLU B 46 9.71 13.50 -14.44
C GLU B 46 8.28 13.11 -14.80
N MET B 47 7.74 12.10 -14.12
CA MET B 47 6.39 11.61 -14.42
C MET B 47 5.31 12.65 -14.05
N ALA B 48 5.50 13.29 -12.92
CA ALA B 48 4.60 14.31 -12.45
C ALA B 48 4.70 15.49 -13.37
N THR B 49 5.95 15.82 -13.72
CA THR B 49 6.16 16.89 -14.67
C THR B 49 5.45 16.67 -15.98
N ASN B 50 5.53 15.48 -16.58
CA ASN B 50 4.80 15.24 -17.81
C ASN B 50 3.27 15.27 -17.54
N HIS B 51 2.81 14.88 -16.35
CA HIS B 51 1.38 14.97 -16.03
C HIS B 51 0.81 16.40 -16.01
N VAL B 52 1.56 17.32 -15.42
CA VAL B 52 1.21 18.73 -15.42
C VAL B 52 1.29 19.33 -16.81
N GLN B 53 2.29 18.96 -17.57
CA GLN B 53 2.36 19.46 -18.95
C GLN B 53 1.16 19.09 -19.79
N VAL B 54 0.78 17.81 -19.75
CA VAL B 54 -0.30 17.30 -20.61
C VAL B 54 -1.67 17.73 -20.08
N LEU B 55 -1.73 17.93 -18.78
CA LEU B 55 -2.87 18.61 -18.19
C LEU B 55 -3.06 20.03 -18.70
N VAL B 56 -2.01 20.85 -18.70
CA VAL B 56 -2.15 22.21 -19.31
C VAL B 56 -2.42 22.15 -20.82
N GLU B 57 -1.74 21.27 -21.54
CA GLU B 57 -2.02 21.17 -23.02
C GLU B 57 -3.50 20.76 -23.29
N PHE B 58 -4.02 19.80 -22.55
CA PHE B 58 -5.40 19.39 -22.69
C PHE B 58 -6.36 20.52 -22.32
N THR B 59 -6.24 21.04 -21.11
CA THR B 59 -7.11 22.08 -20.62
C THR B 59 -7.22 23.26 -21.54
N LYS B 60 -6.09 23.73 -22.07
CA LYS B 60 -6.08 24.99 -22.81
C LYS B 60 -6.86 24.91 -24.11
N LYS B 61 -7.08 23.71 -24.60
CA LYS B 61 -7.88 23.50 -25.80
C LYS B 61 -9.33 23.11 -25.52
N LEU B 62 -9.76 23.04 -24.27
CA LEU B 62 -11.13 22.60 -24.01
C LEU B 62 -12.04 23.67 -24.55
N PRO B 63 -13.13 23.29 -25.23
CA PRO B 63 -13.96 24.32 -25.86
C PRO B 63 -14.48 25.29 -24.81
N GLY B 64 -14.26 26.59 -25.04
CA GLY B 64 -14.71 27.65 -24.14
C GLY B 64 -13.79 28.06 -23.03
N PHE B 65 -12.65 27.38 -22.89
CA PHE B 65 -11.78 27.57 -21.75
C PHE B 65 -11.06 28.91 -21.85
N GLN B 66 -10.67 29.29 -23.07
CA GLN B 66 -10.08 30.63 -23.31
C GLN B 66 -11.09 31.74 -23.08
N THR B 67 -12.40 31.45 -23.23
CA THR B 67 -13.40 32.45 -22.86
C THR B 67 -13.37 32.77 -21.34
N LEU B 68 -12.93 31.82 -20.49
CA LEU B 68 -13.01 32.04 -19.05
C LEU B 68 -12.07 33.14 -18.53
N ASP B 69 -12.50 33.78 -17.47
CA ASP B 69 -11.67 34.74 -16.75
C ASP B 69 -10.28 34.16 -16.47
N HIS B 70 -9.23 34.98 -16.62
CA HIS B 70 -7.83 34.52 -16.53
C HIS B 70 -7.47 33.85 -15.20
N GLU B 71 -7.84 34.47 -14.09
CA GLU B 71 -7.61 33.89 -12.77
C GLU B 71 -8.38 32.59 -12.55
N ASP B 72 -9.57 32.48 -13.14
CA ASP B 72 -10.36 31.26 -13.07
C ASP B 72 -9.65 30.08 -13.79
N GLN B 73 -9.05 30.35 -14.95
CA GLN B 73 -8.34 29.35 -15.71
C GLN B 73 -7.32 28.70 -14.82
N ILE B 74 -6.53 29.53 -14.16
CA ILE B 74 -5.49 29.07 -13.26
C ILE B 74 -6.03 28.33 -12.07
N ALA B 75 -7.11 28.82 -11.50
CA ALA B 75 -7.76 28.18 -10.34
C ALA B 75 -8.26 26.74 -10.62
N LEU B 76 -8.88 26.59 -11.80
CA LEU B 76 -9.26 25.28 -12.38
C LEU B 76 -8.04 24.44 -12.55
N LEU B 77 -7.01 25.02 -13.14
CA LEU B 77 -5.75 24.29 -13.29
C LEU B 77 -5.24 23.71 -11.99
N LYS B 78 -5.08 24.55 -10.97
CA LYS B 78 -4.50 24.07 -9.72
C LYS B 78 -5.44 23.18 -8.91
N GLY B 79 -6.74 23.44 -9.04
CA GLY B 79 -7.74 22.75 -8.24
C GLY B 79 -7.93 21.31 -8.70
N SER B 80 -7.65 21.06 -9.98
CA SER B 80 -7.89 19.78 -10.61
C SER B 80 -6.68 18.91 -10.83
N ALA B 81 -5.47 19.40 -10.57
CA ALA B 81 -4.27 18.73 -11.06
C ALA B 81 -4.08 17.34 -10.42
N VAL B 82 -4.31 17.21 -9.10
CA VAL B 82 -4.17 15.92 -8.44
C VAL B 82 -5.18 14.89 -9.01
N GLU B 83 -6.41 15.32 -9.18
CA GLU B 83 -7.47 14.42 -9.63
C GLU B 83 -7.20 14.00 -11.09
N ALA B 84 -6.74 14.93 -11.92
CA ALA B 84 -6.44 14.60 -13.32
C ALA B 84 -5.26 13.68 -13.42
N MET B 85 -4.24 13.99 -12.66
CA MET B 85 -3.06 13.18 -12.64
C MET B 85 -3.37 11.71 -12.20
N PHE B 86 -4.07 11.54 -11.09
CA PHE B 86 -4.47 10.20 -10.66
C PHE B 86 -5.36 9.43 -11.62
N LEU B 87 -6.24 10.13 -12.32
CA LEU B 87 -7.02 9.47 -13.36
C LEU B 87 -6.15 9.05 -14.56
N ARG B 88 -5.35 9.98 -15.08
CA ARG B 88 -4.42 9.67 -16.17
C ARG B 88 -3.44 8.56 -15.75
N SER B 89 -3.08 8.56 -14.47
CA SER B 89 -2.33 7.48 -13.90
C SER B 89 -3.13 6.15 -14.04
N ALA B 90 -4.39 6.12 -13.62
CA ALA B 90 -5.20 4.90 -13.74
C ALA B 90 -5.18 4.36 -15.17
N GLU B 91 -5.34 5.23 -16.17
CA GLU B 91 -5.28 4.82 -17.57
C GLU B 91 -3.93 4.16 -17.89
N ILE B 92 -2.85 4.73 -17.43
CA ILE B 92 -1.55 4.23 -17.85
C ILE B 92 -1.37 2.83 -17.27
N PHE B 93 -1.75 2.68 -16.00
CA PHE B 93 -1.72 1.40 -15.26
C PHE B 93 -2.47 0.34 -16.00
N ASN B 94 -3.66 0.68 -16.48
CA ASN B 94 -4.51 -0.31 -17.12
C ASN B 94 -4.21 -0.53 -18.57
N LYS B 95 -3.66 0.44 -19.28
CA LYS B 95 -3.59 0.32 -20.74
C LYS B 95 -2.20 0.37 -21.38
N LYS B 96 -1.24 0.98 -20.68
CA LYS B 96 0.09 1.26 -21.23
C LYS B 96 1.19 0.47 -20.52
N LEU B 97 0.79 -0.47 -19.64
CA LEU B 97 1.75 -1.32 -19.01
C LEU B 97 1.48 -2.80 -19.26
N PRO B 98 2.53 -3.64 -19.30
CA PRO B 98 2.23 -5.09 -19.37
C PRO B 98 1.35 -5.54 -18.19
N SER B 99 0.60 -6.62 -18.39
CA SER B 99 -0.34 -7.18 -17.38
C SER B 99 0.15 -7.54 -15.96
N GLY B 100 1.35 -8.11 -15.83
CA GLY B 100 1.74 -8.74 -14.56
C GLY B 100 2.63 -8.01 -13.56
N HIS B 101 2.61 -6.67 -13.53
CA HIS B 101 3.65 -5.90 -12.80
C HIS B 101 3.19 -5.02 -11.60
N SER B 102 1.94 -5.22 -11.17
CA SER B 102 1.44 -4.44 -10.03
C SER B 102 2.37 -4.50 -8.80
N ASP B 103 2.65 -5.70 -8.27
CA ASP B 103 3.37 -5.84 -7.01
C ASP B 103 4.73 -5.16 -7.11
N LEU B 104 5.35 -5.26 -8.28
CA LEU B 104 6.62 -4.63 -8.51
C LEU B 104 6.56 -3.09 -8.48
N LEU B 105 5.62 -2.53 -9.21
CA LEU B 105 5.36 -1.08 -9.19
C LEU B 105 5.02 -0.53 -7.76
N GLU B 106 4.16 -1.25 -7.02
CA GLU B 106 3.90 -0.92 -5.63
C GLU B 106 5.21 -0.74 -4.86
N GLU B 107 6.11 -1.73 -4.95
CA GLU B 107 7.41 -1.62 -4.30
C GLU B 107 8.25 -0.48 -4.86
N ARG B 108 8.21 -0.25 -6.17
CA ARG B 108 8.94 0.90 -6.75
C ARG B 108 8.54 2.21 -6.12
N ILE B 109 7.24 2.41 -5.92
CA ILE B 109 6.74 3.66 -5.33
C ILE B 109 6.96 3.77 -3.84
N ARG B 110 6.71 2.68 -3.10
CA ARG B 110 7.04 2.63 -1.68
C ARG B 110 8.46 3.06 -1.49
N ASN B 111 9.36 2.61 -2.36
CA ASN B 111 10.79 2.94 -2.25
C ASN B 111 11.11 4.40 -2.63
N SER B 112 10.18 5.09 -3.29
CA SER B 112 10.32 6.53 -3.50
C SER B 112 10.07 7.38 -2.25
N GLY B 113 9.61 6.77 -1.15
CA GLY B 113 9.35 7.50 0.09
C GLY B 113 7.88 7.68 0.35
N ILE B 114 7.00 7.03 -0.39
CA ILE B 114 5.56 7.20 -0.13
C ILE B 114 5.01 6.18 0.87
N SER B 115 4.35 6.64 1.93
CA SER B 115 3.73 5.72 2.89
C SER B 115 2.70 4.80 2.23
N ASP B 116 2.68 3.54 2.69
CA ASP B 116 1.61 2.57 2.35
C ASP B 116 0.19 3.06 2.71
N GLU B 117 0.12 3.97 3.67
CA GLU B 117 -1.11 4.64 3.97
C GLU B 117 -1.79 5.19 2.71
N TYR B 118 -0.99 5.70 1.78
CA TYR B 118 -1.46 6.28 0.49
C TYR B 118 -1.32 5.33 -0.74
N ILE B 119 -0.29 4.49 -0.75
CA ILE B 119 -0.15 3.41 -1.78
C ILE B 119 -1.39 2.53 -1.79
N THR B 120 -1.96 2.23 -0.64
CA THR B 120 -3.11 1.30 -0.61
C THR B 120 -4.29 1.82 -1.43
N PRO B 121 -4.83 2.98 -1.05
CA PRO B 121 -5.99 3.47 -1.83
C PRO B 121 -5.64 3.93 -3.25
N MET B 122 -4.38 4.29 -3.49
CA MET B 122 -3.94 4.60 -4.85
C MET B 122 -4.09 3.39 -5.76
N PHE B 123 -3.50 2.27 -5.38
CA PHE B 123 -3.56 1.08 -6.23
C PHE B 123 -4.93 0.42 -6.21
N SER B 124 -5.60 0.39 -5.07
CA SER B 124 -6.98 -0.12 -5.07
C SER B 124 -7.80 0.62 -6.11
N PHE B 125 -7.62 1.94 -6.16
CA PHE B 125 -8.26 2.77 -7.17
C PHE B 125 -7.85 2.37 -8.57
N TYR B 126 -6.54 2.27 -8.80
CA TYR B 126 -6.11 1.86 -10.13
C TYR B 126 -6.79 0.55 -10.51
N LYS B 127 -6.71 -0.44 -9.61
CA LYS B 127 -7.30 -1.75 -9.90
C LYS B 127 -8.80 -1.75 -10.05
N SER B 128 -9.47 -0.96 -9.21
CA SER B 128 -10.91 -0.74 -9.34
C SER B 128 -11.33 -0.19 -10.73
N ILE B 129 -10.53 0.69 -11.32
CA ILE B 129 -10.85 1.31 -12.60
C ILE B 129 -10.59 0.37 -13.77
N GLY B 130 -9.57 -0.47 -13.65
CA GLY B 130 -9.45 -1.72 -14.45
C GLY B 130 -10.75 -2.53 -14.54
N GLU B 131 -11.39 -2.79 -13.39
CA GLU B 131 -12.63 -3.57 -13.29
C GLU B 131 -13.79 -2.95 -14.10
N LEU B 132 -13.85 -1.62 -14.16
CA LEU B 132 -14.83 -0.95 -15.01
C LEU B 132 -14.45 -0.96 -16.50
N LYS B 133 -13.34 -1.60 -16.87
CA LYS B 133 -12.82 -1.58 -18.25
C LYS B 133 -13.20 -0.28 -18.96
N MET B 134 -12.78 0.83 -18.38
CA MET B 134 -13.17 2.15 -18.88
C MET B 134 -12.60 2.38 -20.27
N THR B 135 -13.40 3.07 -21.06
CA THR B 135 -13.05 3.41 -22.39
C THR B 135 -12.19 4.68 -22.42
N GLN B 136 -11.69 4.99 -23.61
CA GLN B 136 -10.98 6.21 -23.84
C GLN B 136 -11.94 7.37 -23.86
N GLU B 137 -13.12 7.18 -24.45
CA GLU B 137 -14.16 8.20 -24.35
C GLU B 137 -14.32 8.64 -22.90
N GLU B 138 -14.36 7.67 -22.01
CA GLU B 138 -14.57 7.89 -20.59
C GLU B 138 -13.39 8.58 -19.87
N TYR B 139 -12.17 8.07 -20.03
CA TYR B 139 -11.03 8.73 -19.45
C TYR B 139 -11.09 10.20 -19.85
N ALA B 140 -11.31 10.44 -21.14
CA ALA B 140 -11.21 11.76 -21.70
C ALA B 140 -12.27 12.73 -21.19
N LEU B 141 -13.52 12.31 -21.25
CA LEU B 141 -14.63 13.10 -20.71
C LEU B 141 -14.56 13.33 -19.21
N LEU B 142 -14.19 12.29 -18.49
CA LEU B 142 -14.06 12.40 -17.07
C LEU B 142 -12.95 13.40 -16.71
N THR B 143 -11.93 13.49 -17.55
CA THR B 143 -10.82 14.39 -17.24
C THR B 143 -11.31 15.80 -17.43
N ALA B 144 -12.09 16.01 -18.48
CA ALA B 144 -12.66 17.31 -18.77
C ALA B 144 -13.69 17.75 -17.72
N ILE B 145 -14.42 16.81 -17.14
CA ILE B 145 -15.41 17.09 -16.08
C ILE B 145 -14.68 17.46 -14.78
N VAL B 146 -13.65 16.69 -14.48
CA VAL B 146 -12.76 16.99 -13.36
C VAL B 146 -12.19 18.39 -13.48
N ILE B 147 -11.69 18.74 -14.65
CA ILE B 147 -11.04 20.01 -14.80
C ILE B 147 -12.07 21.11 -14.58
N LEU B 148 -13.17 21.04 -15.33
CA LEU B 148 -14.18 22.11 -15.37
C LEU B 148 -15.22 21.92 -14.27
N SER B 149 -14.73 21.86 -13.05
CA SER B 149 -15.51 21.53 -11.95
C SER B 149 -15.79 22.88 -11.33
N PRO B 150 -17.07 23.31 -11.27
CA PRO B 150 -17.33 24.67 -10.81
C PRO B 150 -17.26 24.85 -9.29
N ASP B 151 -17.08 23.77 -8.54
CA ASP B 151 -16.88 23.86 -7.10
C ASP B 151 -15.38 23.70 -6.72
N ARG B 152 -14.50 24.37 -7.49
CA ARG B 152 -13.13 24.63 -7.02
C ARG B 152 -13.09 25.89 -6.17
N GLN B 153 -12.15 25.93 -5.24
CA GLN B 153 -11.95 27.13 -4.45
C GLN B 153 -11.49 28.24 -5.40
N TYR B 154 -11.78 29.49 -5.06
CA TYR B 154 -11.18 30.64 -5.78
C TYR B 154 -11.79 30.90 -7.17
N ILE B 155 -12.96 30.34 -7.43
CA ILE B 155 -13.64 30.57 -8.68
C ILE B 155 -14.57 31.80 -8.48
N LYS B 156 -14.30 32.87 -9.24
CA LYS B 156 -15.17 34.06 -9.32
C LYS B 156 -16.54 33.74 -9.92
N ASP B 157 -16.53 33.25 -11.16
CA ASP B 157 -17.75 32.96 -11.93
C ASP B 157 -17.96 31.45 -12.11
N ARG B 158 -18.61 30.86 -11.12
CA ARG B 158 -18.89 29.45 -11.10
C ARG B 158 -19.87 29.07 -12.15
N GLU B 159 -20.69 30.00 -12.64
CA GLU B 159 -21.76 29.62 -13.56
C GLU B 159 -21.28 29.47 -14.99
N ALA B 160 -20.39 30.34 -15.41
CA ALA B 160 -19.68 30.13 -16.66
C ALA B 160 -19.02 28.73 -16.74
N VAL B 161 -18.51 28.26 -15.60
CA VAL B 161 -17.87 26.97 -15.51
C VAL B 161 -18.90 25.85 -15.55
N GLU B 162 -19.95 25.98 -14.76
CA GLU B 162 -21.06 25.04 -14.79
C GLU B 162 -21.60 24.97 -16.23
N LYS B 163 -21.74 26.10 -16.91
CA LYS B 163 -22.20 26.11 -18.33
C LYS B 163 -21.30 25.28 -19.24
N LEU B 164 -20.00 25.35 -19.00
CA LEU B 164 -19.01 24.47 -19.68
C LEU B 164 -19.06 22.98 -19.29
N GLN B 165 -19.33 22.65 -18.02
CA GLN B 165 -19.35 21.26 -17.50
C GLN B 165 -20.58 20.39 -17.91
N GLU B 166 -21.78 20.92 -17.70
CA GLU B 166 -23.05 20.18 -17.93
C GLU B 166 -23.13 19.47 -19.28
N PRO B 167 -22.86 20.16 -20.41
CA PRO B 167 -22.85 19.46 -21.72
C PRO B 167 -21.95 18.24 -21.80
N LEU B 168 -20.86 18.20 -21.02
CA LEU B 168 -19.96 17.03 -20.95
C LEU B 168 -20.51 15.92 -20.07
N LEU B 169 -21.17 16.29 -18.98
CA LEU B 169 -21.87 15.33 -18.14
C LEU B 169 -23.05 14.68 -18.88
N ASP B 170 -23.71 15.46 -19.74
CA ASP B 170 -24.81 14.97 -20.58
C ASP B 170 -24.25 13.93 -21.54
N VAL B 171 -23.23 14.32 -22.29
CA VAL B 171 -22.63 13.45 -23.31
C VAL B 171 -22.17 12.15 -22.70
N LEU B 172 -21.46 12.23 -21.60
CA LEU B 172 -21.04 11.06 -20.89
C LEU B 172 -22.22 10.16 -20.42
N GLN B 173 -23.34 10.78 -20.04
CA GLN B 173 -24.57 10.04 -19.69
C GLN B 173 -25.23 9.32 -20.87
N LYS B 174 -25.32 10.00 -21.99
CA LYS B 174 -25.81 9.37 -23.22
C LYS B 174 -24.97 8.16 -23.62
N LEU B 175 -23.63 8.28 -23.57
CA LEU B 175 -22.73 7.15 -23.93
C LEU B 175 -22.89 5.93 -23.04
N CYS B 176 -23.11 6.14 -21.74
CA CYS B 176 -23.42 5.02 -20.84
C CYS B 176 -24.76 4.30 -21.14
N LYS B 177 -25.66 4.97 -21.85
CA LYS B 177 -26.91 4.35 -22.32
C LYS B 177 -26.80 3.77 -23.74
N ILE B 178 -26.00 4.40 -24.60
CA ILE B 178 -25.69 3.85 -25.90
C ILE B 178 -24.87 2.54 -25.80
N HIS B 179 -23.82 2.52 -24.99
CA HIS B 179 -22.89 1.38 -24.94
C HIS B 179 -23.03 0.49 -23.73
N GLN B 180 -23.85 0.87 -22.75
CA GLN B 180 -24.00 0.08 -21.53
C GLN B 180 -25.47 -0.13 -21.04
N PRO B 181 -26.47 -0.27 -21.97
CA PRO B 181 -27.89 -0.43 -21.52
C PRO B 181 -28.17 -1.49 -20.41
N GLU B 182 -27.48 -2.62 -20.49
CA GLU B 182 -27.47 -3.70 -19.46
C GLU B 182 -26.82 -3.37 -18.09
N ASN B 183 -26.16 -2.22 -18.00
CA ASN B 183 -25.70 -1.67 -16.74
C ASN B 183 -26.20 -0.21 -16.64
N PRO B 184 -27.42 -0.02 -16.12
CA PRO B 184 -27.94 1.35 -15.94
C PRO B 184 -27.22 2.10 -14.78
N GLN B 185 -26.64 1.36 -13.83
CA GLN B 185 -25.84 1.97 -12.76
C GLN B 185 -24.51 2.57 -13.24
N HIS B 186 -24.19 2.42 -14.52
CA HIS B 186 -22.84 2.66 -14.99
C HIS B 186 -22.42 4.12 -14.88
N PHE B 187 -23.27 5.04 -15.30
CA PHE B 187 -22.96 6.45 -15.21
C PHE B 187 -22.69 6.83 -13.77
N ALA B 188 -23.57 6.40 -12.88
CA ALA B 188 -23.41 6.62 -11.42
C ALA B 188 -22.23 5.89 -10.83
N CYS B 189 -21.86 4.80 -11.48
CA CYS B 189 -20.60 4.14 -11.22
C CYS B 189 -19.43 5.09 -11.53
N LEU B 190 -19.48 5.72 -12.70
CA LEU B 190 -18.49 6.73 -13.07
C LEU B 190 -18.47 7.95 -12.08
N LEU B 191 -19.62 8.46 -11.65
CA LEU B 191 -19.59 9.53 -10.63
C LEU B 191 -18.96 9.13 -9.32
N GLY B 192 -19.25 7.91 -8.89
CA GLY B 192 -18.64 7.37 -7.70
C GLY B 192 -17.13 7.36 -7.74
N ARG B 193 -16.58 7.24 -8.96
CA ARG B 193 -15.16 7.33 -9.19
C ARG B 193 -14.66 8.77 -8.99
N LEU B 194 -15.41 9.77 -9.48
CA LEU B 194 -15.11 11.17 -9.18
C LEU B 194 -14.98 11.46 -7.68
N THR B 195 -15.82 10.81 -6.90
CA THR B 195 -15.83 10.87 -5.44
C THR B 195 -14.56 10.28 -4.84
N GLU B 196 -14.25 9.05 -5.19
CA GLU B 196 -12.99 8.42 -4.76
C GLU B 196 -11.76 9.28 -5.19
N LEU B 197 -11.82 9.94 -6.35
CA LEU B 197 -10.72 10.83 -6.80
C LEU B 197 -10.50 12.04 -5.88
N ARG B 198 -11.57 12.76 -5.53
CA ARG B 198 -11.46 13.89 -4.57
C ARG B 198 -10.65 13.59 -3.33
N THR B 199 -10.80 12.35 -2.86
CA THR B 199 -10.02 11.75 -1.76
C THR B 199 -8.50 11.97 -1.91
N PHE B 200 -8.00 11.97 -3.15
CA PHE B 200 -6.55 12.06 -3.39
C PHE B 200 -5.93 13.45 -3.14
N ASN B 201 -6.78 14.47 -3.07
CA ASN B 201 -6.33 15.80 -2.76
C ASN B 201 -5.59 15.81 -1.44
N HIS B 202 -6.19 15.22 -0.42
CA HIS B 202 -5.57 15.15 0.90
C HIS B 202 -4.33 14.23 0.95
N HIS B 203 -4.43 13.08 0.29
CA HIS B 203 -3.34 12.13 0.28
C HIS B 203 -2.15 12.79 -0.33
N HIS B 204 -2.38 13.45 -1.45
CA HIS B 204 -1.27 14.01 -2.20
C HIS B 204 -0.57 15.09 -1.39
N ALA B 205 -1.35 15.88 -0.64
CA ALA B 205 -0.78 16.93 0.23
C ALA B 205 0.12 16.33 1.30
N GLU B 206 -0.30 15.21 1.87
CA GLU B 206 0.50 14.54 2.90
C GLU B 206 1.76 13.93 2.28
N MET B 207 1.62 13.38 1.08
CA MET B 207 2.77 12.83 0.37
C MET B 207 3.82 13.92 0.15
N LEU B 208 3.40 15.08 -0.33
CA LEU B 208 4.36 16.21 -0.49
C LEU B 208 4.97 16.70 0.82
N MET B 209 4.16 16.82 1.86
CA MET B 209 4.72 17.23 3.15
C MET B 209 5.77 16.28 3.70
N SER B 210 5.51 14.97 3.61
CA SER B 210 6.50 13.91 4.00
C SER B 210 7.80 14.00 3.25
N TRP B 211 7.65 14.17 1.95
CA TRP B 211 8.78 14.29 1.10
C TRP B 211 9.56 15.51 1.54
N ARG B 212 8.84 16.58 1.83
CA ARG B 212 9.55 17.78 2.26
C ARG B 212 10.33 17.56 3.56
N VAL B 213 9.71 17.04 4.62
CA VAL B 213 10.50 16.77 5.86
C VAL B 213 11.70 15.84 5.68
N ASN B 214 11.64 14.95 4.70
CA ASN B 214 12.78 14.11 4.35
C ASN B 214 13.63 14.69 3.24
N ASP B 215 13.72 16.03 3.18
CA ASP B 215 14.76 16.76 2.43
C ASP B 215 14.64 16.73 0.90
N HIS B 216 13.54 16.19 0.39
CA HIS B 216 13.32 16.14 -1.04
C HIS B 216 13.08 17.53 -1.64
N LYS B 217 13.41 17.64 -2.93
CA LYS B 217 13.37 18.91 -3.66
C LYS B 217 12.42 18.69 -4.83
N PHE B 218 11.42 19.55 -4.96
CA PHE B 218 10.49 19.40 -6.05
C PHE B 218 11.10 20.15 -7.26
N THR B 219 10.30 20.75 -8.14
CA THR B 219 10.81 21.66 -9.16
C THR B 219 9.99 22.90 -9.03
N PRO B 220 10.40 23.99 -9.73
CA PRO B 220 9.59 25.21 -9.57
C PRO B 220 8.17 25.11 -10.11
N LEU B 221 8.00 24.41 -11.22
CA LEU B 221 6.69 24.14 -11.76
C LEU B 221 5.83 23.40 -10.77
N LEU B 222 6.39 22.33 -10.17
CA LEU B 222 5.58 21.49 -9.26
C LEU B 222 5.26 22.28 -7.99
N CYS B 223 6.20 23.09 -7.52
CA CYS B 223 5.94 23.90 -6.32
C CYS B 223 4.85 24.94 -6.58
N GLU B 224 4.76 25.42 -7.81
CA GLU B 224 3.75 26.40 -8.23
C GLU B 224 2.35 25.84 -8.33
N ILE B 225 2.16 24.75 -9.07
CA ILE B 225 0.83 24.13 -9.16
C ILE B 225 0.30 23.65 -7.79
N TRP B 226 1.16 23.27 -6.85
CA TRP B 226 0.66 22.88 -5.50
C TRP B 226 1.03 23.79 -4.34
N ASP B 227 1.38 25.04 -4.63
CA ASP B 227 1.71 26.00 -3.55
C ASP B 227 2.59 25.50 -2.42
N VAL B 228 3.75 24.98 -2.78
CA VAL B 228 4.84 24.72 -1.83
C VAL B 228 5.68 26.01 -1.81
N GLN B 229 5.71 26.64 -0.63
CA GLN B 229 6.29 27.95 -0.39
C GLN B 229 7.53 27.85 0.52
N ASN C 1 1.90 33.07 -10.23
CA ASN C 1 1.81 31.71 -10.92
C ASN C 1 2.38 31.74 -12.36
N ALA C 2 3.57 32.31 -12.48
CA ALA C 2 4.11 32.68 -13.77
C ALA C 2 4.27 31.47 -14.72
N LEU C 3 4.69 30.29 -14.22
CA LEU C 3 4.96 29.14 -15.10
C LEU C 3 3.72 28.55 -15.73
N LEU C 4 2.64 28.44 -14.97
CA LEU C 4 1.34 28.01 -15.52
C LEU C 4 0.78 28.99 -16.46
N ARG C 5 0.93 30.27 -16.14
CA ARG C 5 0.44 31.31 -17.03
C ARG C 5 1.17 31.21 -18.37
N TYR C 6 2.48 30.99 -18.32
CA TYR C 6 3.21 30.78 -19.53
C TYR C 6 2.73 29.55 -20.30
N LEU C 7 2.56 28.40 -19.63
CA LEU C 7 2.12 27.16 -20.31
C LEU C 7 0.69 27.24 -20.81
N LEU C 8 -0.15 28.00 -20.10
CA LEU C 8 -1.52 28.32 -20.61
C LEU C 8 -1.60 29.23 -21.83
N ASP C 9 -0.80 30.30 -21.86
CA ASP C 9 -0.96 31.35 -22.85
C ASP C 9 -0.09 31.14 -24.07
N LYS C 10 0.90 30.26 -24.02
CA LYS C 10 1.77 30.18 -25.17
C LYS C 10 1.02 29.70 -26.41
N ASP C 11 1.45 30.32 -27.51
CA ASP C 11 1.27 29.92 -28.90
C ASP C 11 0.37 30.88 -29.71
N ASN D 1 5.38 -34.83 15.82
CA ASN D 1 5.07 -33.45 16.39
C ASN D 1 4.94 -33.52 17.92
N ALA D 2 5.72 -34.40 18.53
CA ALA D 2 5.59 -34.67 19.94
C ALA D 2 6.07 -33.44 20.71
N LEU D 3 7.14 -32.82 20.20
CA LEU D 3 7.66 -31.58 20.83
C LEU D 3 6.69 -30.40 20.77
N LEU D 4 6.04 -30.14 19.64
CA LEU D 4 5.09 -29.04 19.59
C LEU D 4 3.90 -29.39 20.47
N ARG D 5 3.46 -30.63 20.47
CA ARG D 5 2.31 -30.99 21.35
C ARG D 5 2.61 -30.77 22.84
N TYR D 6 3.81 -31.16 23.24
CA TYR D 6 4.28 -30.97 24.58
C TYR D 6 4.29 -29.50 24.97
N LEU D 7 4.79 -28.65 24.09
CA LEU D 7 4.81 -27.21 24.36
C LEU D 7 3.42 -26.61 24.37
N LEU D 8 2.51 -27.14 23.55
CA LEU D 8 1.09 -26.71 23.63
C LEU D 8 0.41 -27.06 24.97
N ASP D 9 0.71 -28.21 25.55
CA ASP D 9 -0.01 -28.63 26.76
C ASP D 9 0.54 -28.20 28.13
N LYS D 10 1.81 -27.86 28.26
CA LYS D 10 2.48 -27.93 29.58
C LYS D 10 1.95 -26.94 30.64
C4 FEZ E . 14.51 -11.56 11.25
C5 FEZ E . 14.03 -12.28 10.01
C6 FEZ E . 13.96 -13.77 9.92
C3 FEZ E . 16.02 -11.60 11.41
C2 FEZ E . 16.52 -13.03 11.48
C1 FEZ E . 16.79 -14.02 10.60
C10 FEZ E . 17.20 -15.26 11.32
C7 FEZ E . 14.18 -14.87 10.62
C8 FEZ E . 14.65 -15.24 11.95
C9 FEZ E . 15.93 -16.01 11.74
O1 FEZ E . 14.15 -18.35 10.64
O2 FEZ E . 19.22 -21.86 12.29
O3 FEZ E . 12.65 -11.96 9.70
C11 FEZ E . 15.33 -18.11 10.82
C12 FEZ E . 16.34 -19.14 11.20
C17 FEZ E . 15.99 -20.47 11.43
C16 FEZ E . 16.94 -21.43 11.81
C15 FEZ E . 18.26 -21.01 11.91
C14 FEZ E . 18.65 -19.69 11.67
C13 FEZ E . 17.68 -18.77 11.32
O FEZ E . 15.66 -16.74 10.60
C FEZ E . 16.80 -14.09 9.09
C18 FEZ E . 14.71 -14.14 12.98
C20 FEZ E . 15.85 -14.10 14.00
C19 FEZ E . 13.51 -14.36 13.83
C21 FEZ E . 14.96 -11.83 8.87
C4 FEZ F . 1.67 2.91 -10.79
C5 FEZ F . 2.33 4.12 -10.15
C6 FEZ F . 2.45 5.44 -10.85
C3 FEZ F . 2.58 2.24 -11.82
C2 FEZ F . 2.96 3.20 -12.93
C1 FEZ F . 3.87 4.20 -13.09
C10 FEZ F . 3.70 4.85 -14.42
C7 FEZ F . 2.16 6.05 -11.98
C8 FEZ F . 1.53 5.73 -13.26
C9 FEZ F . 2.60 5.90 -14.31
O1 FEZ F . 2.39 8.98 -13.83
O2 FEZ F . 4.83 9.22 -19.73
O3 FEZ F . 1.61 4.54 -8.96
C11 FEZ F . 3.03 8.22 -14.51
C12 FEZ F . 3.51 8.52 -15.89
C17 FEZ F . 3.18 9.73 -16.54
C16 FEZ F . 3.62 10.01 -17.84
C15 FEZ F . 4.40 9.04 -18.48
C14 FEZ F . 4.74 7.84 -17.86
C13 FEZ F . 4.28 7.58 -16.58
O FEZ F . 3.31 6.98 -13.86
C FEZ F . 4.99 4.72 -12.22
C18 FEZ F . 0.73 4.46 -13.33
C20 FEZ F . 0.74 3.61 -14.60
C19 FEZ F . -0.69 4.90 -13.23
C21 FEZ F . 3.76 3.70 -9.79
C4 FEZ G . 1.41 8.47 -10.02
C5 FEZ G . 0.85 9.04 -8.72
C6 FEZ G . 1.22 10.37 -8.20
C3 FEZ G . 2.84 7.96 -9.83
C2 FEZ G . 3.76 9.05 -9.37
C1 FEZ G . 4.05 9.65 -8.18
C10 FEZ G . 5.02 10.76 -8.38
C7 FEZ G . 1.97 11.43 -8.47
C8 FEZ G . 2.92 11.86 -9.50
C9 FEZ G . 4.25 12.01 -8.80
O1 FEZ G . 3.06 14.57 -7.41
O2 FEZ G . 9.23 16.10 -6.83
O3 FEZ G . -0.60 9.21 -8.81
C11 FEZ G . 4.09 13.93 -7.40
C12 FEZ G . 5.44 14.54 -7.24
C17 FEZ G . 5.62 15.93 -7.12
C16 FEZ G . 6.89 16.51 -6.97
C15 FEZ G . 7.98 15.63 -6.94
C14 FEZ G . 7.84 14.24 -7.04
C13 FEZ G . 6.57 13.71 -7.20
O FEZ G . 3.90 12.53 -7.56
C FEZ G . 3.63 9.37 -6.76
C18 FEZ G . 2.93 11.07 -10.77
C20 FEZ G . 4.25 10.82 -11.50
C19 FEZ G . 2.19 11.92 -11.74
C21 FEZ G . 1.19 8.02 -7.62
#